data_7RTY
#
_entry.id   7RTY
#
_cell.length_a   106.831
_cell.length_b   106.831
_cell.length_c   83.010
_cell.angle_alpha   90.00
_cell.angle_beta   90.00
_cell.angle_gamma   90.00
#
_symmetry.space_group_name_H-M   'I 41'
#
loop_
_entity.id
_entity.type
_entity.pdbx_description
1 polymer PsfC
2 non-polymer 'FE (II) ION'
3 water water
#
_entity_poly.entity_id   1
_entity_poly.type   'polypeptide(L)'
_entity_poly.pdbx_seq_one_letter_code
;MNRKVVDTHVHLLLSKKQRVPDWAAIKRMLDVAKVDELDALCVTEHIEADGYQTLMEGLFVENRLPGGDQHAGRLTYQGV
AIFPGAELELANRTNVGVHTDLEGLLALDRAPGAYTLERLHAVLEQRGRPFKLVAHHIFWPGKTCDDLQALGRYVNAIEV
PAKDLANAQNYVALAETLALDTTGGSDAHTFIQVGACRTAFELPGSVRDCTAQDWISSRQTSHLFTAQSPRLVVMSNIYR
QSLMG
;
_entity_poly.pdbx_strand_id   A,B
#
# COMPACT_ATOMS: atom_id res chain seq x y z
N MET A 1 -21.87 11.40 -19.28
CA MET A 1 -20.46 11.76 -19.39
C MET A 1 -19.60 10.50 -19.41
N ASN A 2 -18.45 10.57 -20.10
CA ASN A 2 -17.44 9.51 -20.03
C ASN A 2 -16.24 9.99 -19.22
N ARG A 3 -15.46 9.06 -18.63
CA ARG A 3 -14.58 9.40 -17.52
C ARG A 3 -13.23 8.68 -17.57
N LYS A 4 -12.15 9.46 -17.46
CA LYS A 4 -10.80 8.92 -17.37
C LYS A 4 -10.23 9.26 -16.00
N VAL A 5 -9.27 8.46 -15.54
CA VAL A 5 -8.55 8.75 -14.30
C VAL A 5 -7.05 8.67 -14.57
N VAL A 6 -6.34 9.69 -14.10
CA VAL A 6 -4.95 9.92 -14.41
C VAL A 6 -4.25 10.39 -13.14
N ASP A 7 -3.12 9.75 -12.83
CA ASP A 7 -2.22 10.31 -11.84
C ASP A 7 -1.33 11.34 -12.54
N THR A 8 -1.54 12.61 -12.18
CA THR A 8 -1.02 13.74 -12.93
C THR A 8 0.35 14.20 -12.41
N HIS A 9 0.91 13.46 -11.45
CA HIS A 9 2.18 13.86 -10.85
C HIS A 9 2.98 12.62 -10.47
N VAL A 10 3.78 12.08 -11.40
CA VAL A 10 4.53 10.87 -11.13
C VAL A 10 5.99 11.08 -11.54
N HIS A 11 6.92 10.62 -10.70
CA HIS A 11 8.35 10.66 -10.94
C HIS A 11 8.84 9.24 -11.23
N LEU A 12 9.48 9.06 -12.39
CA LEU A 12 10.00 7.76 -12.77
C LEU A 12 11.48 7.61 -12.38
N LEU A 13 12.05 8.68 -11.81
CA LEU A 13 13.38 8.61 -11.23
C LEU A 13 13.24 8.75 -9.71
N LEU A 14 14.04 7.99 -8.97
CA LEU A 14 13.93 7.92 -7.52
C LEU A 14 14.50 9.19 -6.89
N SER A 15 15.49 9.80 -7.56
CA SER A 15 16.11 11.02 -7.08
C SER A 15 16.70 11.80 -8.25
N LYS A 16 16.94 13.10 -8.03
CA LYS A 16 17.43 13.97 -9.09
C LYS A 16 18.93 13.78 -9.29
N LYS A 17 19.53 12.89 -8.49
CA LYS A 17 20.95 12.57 -8.60
C LYS A 17 21.17 11.25 -9.34
N GLN A 18 20.10 10.74 -9.98
CA GLN A 18 20.15 9.46 -10.69
C GLN A 18 20.42 9.72 -12.17
N ARG A 19 21.44 9.04 -12.71
CA ARG A 19 21.92 9.29 -14.06
C ARG A 19 21.08 8.53 -15.08
N VAL A 20 20.86 7.24 -14.81
CA VAL A 20 20.25 6.33 -15.75
C VAL A 20 18.89 5.88 -15.21
N PRO A 21 17.83 5.83 -16.05
CA PRO A 21 16.55 5.26 -15.66
C PRO A 21 16.68 3.79 -15.23
N ASP A 22 16.19 3.50 -14.02
CA ASP A 22 16.10 2.14 -13.51
C ASP A 22 14.82 1.52 -14.03
N TRP A 23 14.94 0.74 -15.11
CA TRP A 23 13.79 0.24 -15.86
C TRP A 23 12.99 -0.77 -15.04
N ALA A 24 13.67 -1.49 -14.14
CA ALA A 24 13.03 -2.49 -13.31
C ALA A 24 12.08 -1.81 -12.32
N ALA A 25 12.52 -0.67 -11.78
CA ALA A 25 11.78 0.12 -10.81
C ALA A 25 10.60 0.82 -11.50
N ILE A 26 10.82 1.29 -12.73
CA ILE A 26 9.78 1.89 -13.53
C ILE A 26 8.67 0.86 -13.78
N LYS A 27 9.08 -0.35 -14.20
CA LYS A 27 8.14 -1.45 -14.43
C LYS A 27 7.29 -1.72 -13.19
N ARG A 28 7.91 -1.75 -12.01
CA ARG A 28 7.16 -1.92 -10.77
C ARG A 28 6.05 -0.86 -10.66
N MET A 29 6.39 0.40 -11.00
CA MET A 29 5.46 1.51 -10.88
C MET A 29 4.29 1.34 -11.85
N LEU A 30 4.58 0.89 -13.09
CA LEU A 30 3.54 0.73 -14.09
C LEU A 30 2.64 -0.46 -13.78
N ASP A 31 3.24 -1.53 -13.23
CA ASP A 31 2.47 -2.68 -12.77
C ASP A 31 1.43 -2.24 -11.74
N VAL A 32 1.84 -1.39 -10.79
CA VAL A 32 0.93 -0.90 -9.77
C VAL A 32 -0.13 0.00 -10.41
N ALA A 33 0.25 0.82 -11.41
CA ALA A 33 -0.72 1.68 -12.07
C ALA A 33 -1.79 0.83 -12.77
N LYS A 34 -1.37 -0.33 -13.29
CA LYS A 34 -2.28 -1.27 -13.94
C LYS A 34 -3.25 -1.86 -12.93
N VAL A 35 -2.74 -2.37 -11.81
CA VAL A 35 -3.56 -2.97 -10.76
C VAL A 35 -4.56 -1.92 -10.26
N ASP A 36 -4.11 -0.68 -10.10
CA ASP A 36 -4.93 0.34 -9.48
C ASP A 36 -5.87 1.01 -10.47
N GLU A 37 -5.86 0.51 -11.72
CA GLU A 37 -6.87 0.79 -12.73
C GLU A 37 -6.82 2.25 -13.19
N LEU A 38 -5.60 2.80 -13.30
CA LEU A 38 -5.43 4.14 -13.85
C LEU A 38 -5.49 4.07 -15.37
N ASP A 39 -6.05 5.12 -15.97
CA ASP A 39 -6.14 5.24 -17.42
C ASP A 39 -4.81 5.75 -17.97
N ALA A 40 -4.15 6.63 -17.21
CA ALA A 40 -2.89 7.20 -17.62
C ALA A 40 -2.12 7.72 -16.42
N LEU A 41 -0.85 8.06 -16.68
CA LEU A 41 0.12 8.61 -15.76
C LEU A 41 0.81 9.79 -16.46
N CYS A 42 1.00 10.89 -15.73
CA CYS A 42 1.80 12.00 -16.23
C CYS A 42 3.17 11.95 -15.59
N VAL A 43 4.21 11.86 -16.43
CA VAL A 43 5.57 11.83 -15.92
C VAL A 43 6.05 13.27 -15.77
N THR A 44 5.78 13.87 -14.61
CA THR A 44 6.26 15.22 -14.32
C THR A 44 7.61 15.11 -13.62
N GLU A 45 8.63 14.64 -14.35
CA GLU A 45 9.93 14.47 -13.74
C GLU A 45 10.52 15.85 -13.46
N HIS A 46 11.27 15.96 -12.36
CA HIS A 46 11.99 17.18 -12.03
C HIS A 46 12.88 17.55 -13.22
N ILE A 47 12.69 18.75 -13.78
CA ILE A 47 13.39 19.11 -15.02
C ILE A 47 14.89 19.23 -14.77
N GLU A 48 15.28 19.55 -13.54
CA GLU A 48 16.67 19.74 -13.15
C GLU A 48 17.33 18.41 -12.82
N ALA A 49 16.56 17.31 -12.90
CA ALA A 49 17.08 15.98 -12.59
C ALA A 49 18.27 15.68 -13.50
N ASP A 50 19.30 15.08 -12.90
CA ASP A 50 20.48 14.64 -13.64
C ASP A 50 20.05 13.78 -14.82
N GLY A 51 19.04 12.93 -14.61
CA GLY A 51 18.65 11.95 -15.61
C GLY A 51 17.41 12.34 -16.41
N TYR A 52 16.96 13.60 -16.30
CA TYR A 52 15.72 14.01 -16.94
C TYR A 52 15.76 13.75 -18.43
N GLN A 53 16.82 14.25 -19.09
CA GLN A 53 16.95 14.17 -20.54
C GLN A 53 16.96 12.72 -21.00
N THR A 54 17.72 11.87 -20.29
CA THR A 54 17.85 10.46 -20.63
C THR A 54 16.51 9.75 -20.46
N LEU A 55 15.80 10.08 -19.37
CA LEU A 55 14.51 9.48 -19.04
C LEU A 55 13.52 9.79 -20.17
N MET A 56 13.43 11.08 -20.54
CA MET A 56 12.41 11.56 -21.46
C MET A 56 12.65 11.06 -22.88
N GLU A 57 13.92 11.02 -23.32
CA GLU A 57 14.24 10.55 -24.65
C GLU A 57 14.02 9.04 -24.70
N GLY A 58 14.46 8.36 -23.64
CA GLY A 58 14.30 6.92 -23.48
C GLY A 58 12.84 6.48 -23.58
N LEU A 59 11.93 7.27 -23.00
CA LEU A 59 10.52 6.92 -22.93
C LEU A 59 9.84 7.20 -24.28
N PHE A 60 10.06 8.39 -24.84
CA PHE A 60 9.17 8.89 -25.87
C PHE A 60 9.86 9.02 -27.23
N VAL A 61 11.20 8.91 -27.24
CA VAL A 61 11.97 9.06 -28.47
C VAL A 61 12.58 7.72 -28.87
N GLU A 62 13.35 7.12 -27.95
CA GLU A 62 14.16 5.94 -28.25
C GLU A 62 13.39 4.66 -27.94
N ASN A 63 12.11 4.79 -27.55
CA ASN A 63 11.21 3.69 -27.25
C ASN A 63 11.99 2.55 -26.57
N ARG A 64 12.48 2.80 -25.36
CA ARG A 64 13.42 1.90 -24.70
C ARG A 64 12.77 1.26 -23.47
N LEU A 65 11.50 1.58 -23.22
CA LEU A 65 10.79 1.05 -22.08
C LEU A 65 10.44 -0.42 -22.33
N PRO A 66 10.98 -1.37 -21.54
CA PRO A 66 10.67 -2.79 -21.70
C PRO A 66 9.20 -3.06 -21.36
N GLY A 67 8.44 -3.46 -22.38
CA GLY A 67 7.01 -3.71 -22.24
C GLY A 67 6.18 -2.55 -22.80
N GLY A 68 6.86 -1.49 -23.25
CA GLY A 68 6.21 -0.29 -23.75
C GLY A 68 5.70 -0.47 -25.18
N ASP A 69 4.63 0.26 -25.51
CA ASP A 69 3.97 0.15 -26.80
C ASP A 69 3.71 1.56 -27.35
N GLN A 70 4.15 1.80 -28.59
CA GLN A 70 4.13 3.12 -29.19
C GLN A 70 3.32 3.12 -30.48
N HIS A 71 2.10 3.65 -30.42
CA HIS A 71 1.24 3.75 -31.59
C HIS A 71 0.80 5.19 -31.81
N ALA A 72 1.23 5.76 -32.95
CA ALA A 72 0.92 7.12 -33.36
C ALA A 72 1.41 8.12 -32.31
N GLY A 73 2.63 7.90 -31.82
CA GLY A 73 3.26 8.79 -30.87
C GLY A 73 2.52 8.81 -29.52
N ARG A 74 2.02 7.63 -29.12
CA ARG A 74 1.35 7.46 -27.85
C ARG A 74 1.92 6.21 -27.16
N LEU A 75 2.44 6.42 -25.94
CA LEU A 75 3.19 5.42 -25.22
C LEU A 75 2.28 4.79 -24.16
N THR A 76 1.96 3.50 -24.34
CA THR A 76 1.17 2.78 -23.35
C THR A 76 2.00 1.70 -22.69
N TYR A 77 1.52 1.21 -21.55
CA TYR A 77 2.02 0.00 -20.91
C TYR A 77 0.84 -0.78 -20.37
N GLN A 78 0.54 -1.91 -21.03
CA GLN A 78 -0.62 -2.74 -20.73
C GLN A 78 -1.87 -1.87 -20.71
N GLY A 79 -1.99 -0.98 -21.71
CA GLY A 79 -3.15 -0.12 -21.86
C GLY A 79 -3.02 1.20 -21.09
N VAL A 80 -2.11 1.25 -20.11
CA VAL A 80 -1.91 2.43 -19.27
C VAL A 80 -1.03 3.42 -20.02
N ALA A 81 -1.63 4.53 -20.45
CA ALA A 81 -0.95 5.57 -21.20
C ALA A 81 0.09 6.28 -20.31
N ILE A 82 1.13 6.81 -20.96
CA ILE A 82 2.21 7.53 -20.28
C ILE A 82 2.39 8.85 -21.00
N PHE A 83 2.07 9.96 -20.31
CA PHE A 83 2.09 11.28 -20.93
C PHE A 83 3.35 12.03 -20.49
N PRO A 84 4.11 12.63 -21.44
CA PRO A 84 5.27 13.46 -21.10
C PRO A 84 4.89 14.69 -20.28
N GLY A 85 5.79 15.08 -19.37
CA GLY A 85 5.61 16.27 -18.57
C GLY A 85 6.90 16.67 -17.87
N ALA A 86 6.80 17.73 -17.05
CA ALA A 86 7.93 18.20 -16.28
C ALA A 86 7.43 18.87 -15.00
N GLU A 87 8.20 18.69 -13.91
CA GLU A 87 8.03 19.49 -12.70
C GLU A 87 9.19 20.49 -12.60
N LEU A 88 8.82 21.77 -12.54
CA LEU A 88 9.75 22.89 -12.48
C LEU A 88 9.68 23.53 -11.11
N GLU A 89 10.85 23.94 -10.60
CA GLU A 89 10.93 24.76 -9.42
C GLU A 89 11.07 26.22 -9.86
N LEU A 90 10.10 27.03 -9.47
CA LEU A 90 10.03 28.40 -9.94
C LEU A 90 10.92 29.29 -9.06
N ALA A 91 11.06 30.57 -9.45
CA ALA A 91 11.95 31.52 -8.81
C ALA A 91 11.57 31.74 -7.35
N ASN A 92 10.27 31.65 -7.04
CA ASN A 92 9.78 31.82 -5.68
C ASN A 92 9.75 30.46 -4.96
N ARG A 93 10.34 29.45 -5.60
CA ARG A 93 10.59 28.14 -5.00
C ARG A 93 9.32 27.29 -4.91
N THR A 94 8.26 27.68 -5.63
CA THR A 94 7.10 26.82 -5.77
C THR A 94 7.34 25.83 -6.92
N ASN A 95 6.55 24.76 -6.94
CA ASN A 95 6.63 23.74 -7.99
C ASN A 95 5.39 23.84 -8.87
N VAL A 96 5.60 23.64 -10.18
CA VAL A 96 4.52 23.65 -11.14
C VAL A 96 4.66 22.42 -12.03
N GLY A 97 3.51 21.80 -12.32
CA GLY A 97 3.47 20.73 -13.31
C GLY A 97 3.24 21.33 -14.70
N VAL A 98 4.09 20.96 -15.65
CA VAL A 98 3.99 21.47 -17.01
C VAL A 98 3.59 20.32 -17.93
N HIS A 99 2.46 20.48 -18.62
CA HIS A 99 1.93 19.43 -19.49
C HIS A 99 1.81 19.98 -20.90
N THR A 100 2.74 19.55 -21.76
CA THR A 100 2.77 20.01 -23.14
C THR A 100 3.46 18.95 -23.99
N ASP A 101 3.48 19.16 -25.30
CA ASP A 101 4.16 18.29 -26.24
C ASP A 101 5.64 18.23 -25.88
N LEU A 102 6.31 17.15 -26.30
CA LEU A 102 7.65 16.82 -25.83
C LEU A 102 8.66 17.85 -26.31
N GLU A 103 8.42 18.44 -27.49
CA GLU A 103 9.32 19.43 -28.07
C GLU A 103 9.48 20.62 -27.13
N GLY A 104 8.36 21.15 -26.65
CA GLY A 104 8.33 22.24 -25.69
C GLY A 104 9.05 21.88 -24.39
N LEU A 105 8.76 20.68 -23.86
CA LEU A 105 9.31 20.26 -22.58
C LEU A 105 10.83 20.20 -22.63
N LEU A 106 11.38 19.77 -23.77
CA LEU A 106 12.82 19.62 -23.92
C LEU A 106 13.48 20.98 -24.18
N ALA A 107 12.67 22.00 -24.46
CA ALA A 107 13.16 23.32 -24.85
C ALA A 107 13.13 24.31 -23.68
N LEU A 108 12.61 23.89 -22.52
CA LEU A 108 12.55 24.78 -21.36
C LEU A 108 13.90 24.79 -20.66
N ASP A 109 14.24 25.95 -20.06
CA ASP A 109 15.40 26.08 -19.19
C ASP A 109 15.24 25.12 -18.01
N ARG A 110 16.34 24.46 -17.61
CA ARG A 110 16.26 23.35 -16.69
C ARG A 110 16.91 23.68 -15.35
N ALA A 111 17.51 24.87 -15.24
CA ALA A 111 18.13 25.29 -13.99
C ALA A 111 17.05 25.49 -12.94
N PRO A 112 17.25 25.04 -11.68
CA PRO A 112 16.29 25.29 -10.61
C PRO A 112 16.06 26.79 -10.46
N GLY A 113 14.80 27.21 -10.59
CA GLY A 113 14.39 28.59 -10.39
C GLY A 113 14.61 29.47 -11.62
N ALA A 114 14.75 28.85 -12.80
CA ALA A 114 15.09 29.60 -14.01
C ALA A 114 13.90 30.43 -14.50
N TYR A 115 12.68 30.04 -14.10
CA TYR A 115 11.50 30.76 -14.54
C TYR A 115 10.76 31.32 -13.33
N THR A 116 10.13 32.48 -13.53
CA THR A 116 8.98 32.88 -12.74
C THR A 116 7.73 32.31 -13.41
N LEU A 117 6.61 32.31 -12.67
CA LEU A 117 5.35 31.81 -13.20
C LEU A 117 4.92 32.65 -14.40
N GLU A 118 5.13 33.97 -14.29
CA GLU A 118 4.81 34.92 -15.36
C GLU A 118 5.56 34.57 -16.64
N ARG A 119 6.87 34.26 -16.52
CA ARG A 119 7.70 34.03 -17.69
C ARG A 119 7.42 32.65 -18.29
N LEU A 120 7.27 31.63 -17.44
CA LEU A 120 6.88 30.29 -17.89
C LEU A 120 5.63 30.36 -18.75
N HIS A 121 4.62 31.08 -18.27
CA HIS A 121 3.35 31.22 -18.97
C HIS A 121 3.53 31.95 -20.30
N ALA A 122 4.35 33.01 -20.29
CA ALA A 122 4.55 33.82 -21.49
C ALA A 122 5.19 32.98 -22.59
N VAL A 123 6.26 32.28 -22.22
CA VAL A 123 7.07 31.44 -23.10
C VAL A 123 6.21 30.32 -23.69
N LEU A 124 5.30 29.75 -22.89
CA LEU A 124 4.45 28.68 -23.37
C LEU A 124 3.33 29.25 -24.24
N GLU A 125 2.87 30.46 -23.90
CA GLU A 125 1.89 31.16 -24.71
C GLU A 125 2.50 31.58 -26.05
N GLN A 126 3.81 31.84 -26.03
CA GLN A 126 4.56 32.28 -27.21
C GLN A 126 4.55 31.19 -28.28
N ARG A 127 4.84 29.95 -27.88
CA ARG A 127 4.62 28.80 -28.75
C ARG A 127 3.14 28.77 -29.10
N GLY A 128 2.82 28.25 -30.29
CA GLY A 128 1.43 28.10 -30.69
C GLY A 128 0.93 26.68 -30.41
N ARG A 129 1.12 26.23 -29.16
CA ARG A 129 0.90 24.84 -28.81
C ARG A 129 0.15 24.76 -27.48
N PRO A 130 -0.89 23.89 -27.37
CA PRO A 130 -1.62 23.70 -26.12
C PRO A 130 -0.72 23.27 -24.97
N PHE A 131 -1.01 23.81 -23.78
CA PHE A 131 -0.27 23.46 -22.58
C PHE A 131 -1.22 23.60 -21.39
N LYS A 132 -0.84 22.96 -20.28
CA LYS A 132 -1.56 23.06 -19.03
C LYS A 132 -0.53 23.18 -17.90
N LEU A 133 -0.77 24.11 -16.96
CA LEU A 133 0.08 24.30 -15.81
C LEU A 133 -0.71 23.92 -14.56
N VAL A 134 -0.07 23.18 -13.63
CA VAL A 134 -0.71 22.74 -12.41
C VAL A 134 0.16 23.18 -11.23
N ALA A 135 -0.45 23.87 -10.24
CA ALA A 135 0.26 24.23 -9.01
C ALA A 135 0.36 23.02 -8.09
N HIS A 136 1.60 22.58 -7.86
CA HIS A 136 1.88 21.39 -7.07
C HIS A 136 1.99 21.74 -5.59
N HIS A 137 1.35 20.92 -4.75
CA HIS A 137 1.49 20.88 -3.29
C HIS A 137 1.80 22.25 -2.71
N ILE A 138 0.85 23.18 -2.91
CA ILE A 138 1.05 24.61 -2.72
C ILE A 138 1.05 24.97 -1.24
N PHE A 139 0.60 24.06 -0.36
CA PHE A 139 0.63 24.32 1.07
C PHE A 139 1.74 23.52 1.77
N TRP A 140 2.56 22.80 1.00
CA TRP A 140 3.65 22.03 1.54
C TRP A 140 4.74 22.97 2.06
N PRO A 141 5.32 22.72 3.27
CA PRO A 141 6.39 23.57 3.79
C PRO A 141 7.59 23.60 2.84
N GLY A 142 8.01 24.82 2.48
CA GLY A 142 9.14 25.02 1.59
C GLY A 142 8.70 25.26 0.15
N LYS A 143 7.38 25.19 -0.09
CA LYS A 143 6.83 25.21 -1.43
C LYS A 143 5.60 26.10 -1.47
N THR A 144 5.43 26.94 -0.42
CA THR A 144 4.27 27.83 -0.32
C THR A 144 4.47 29.00 -1.27
N CYS A 145 3.38 29.73 -1.53
CA CYS A 145 3.31 30.79 -2.52
C CYS A 145 3.09 32.11 -1.81
N ASP A 146 3.85 33.14 -2.23
CA ASP A 146 3.82 34.45 -1.61
C ASP A 146 2.83 35.35 -2.35
N ASP A 147 2.28 34.84 -3.46
CA ASP A 147 1.39 35.62 -4.29
C ASP A 147 0.33 34.71 -4.91
N LEU A 148 -0.66 34.32 -4.09
CA LEU A 148 -1.69 33.39 -4.54
C LEU A 148 -2.59 34.06 -5.57
N GLN A 149 -2.51 35.40 -5.66
CA GLN A 149 -3.27 36.18 -6.62
C GLN A 149 -2.79 35.87 -8.03
N ALA A 150 -1.47 35.89 -8.24
CA ALA A 150 -0.84 35.68 -9.53
C ALA A 150 -0.98 34.21 -9.95
N LEU A 151 -0.95 33.32 -8.97
CA LEU A 151 -1.13 31.91 -9.24
C LEU A 151 -2.40 31.70 -10.07
N GLY A 152 -3.49 32.35 -9.67
CA GLY A 152 -4.79 32.20 -10.31
C GLY A 152 -4.82 32.68 -11.77
N ARG A 153 -3.90 33.59 -12.11
CA ARG A 153 -3.83 34.16 -13.44
C ARG A 153 -3.22 33.16 -14.43
N TYR A 154 -2.26 32.36 -13.96
CA TYR A 154 -1.36 31.68 -14.88
C TYR A 154 -1.56 30.16 -14.87
N VAL A 155 -2.11 29.64 -13.77
CA VAL A 155 -2.18 28.20 -13.58
C VAL A 155 -3.61 27.73 -13.89
N ASN A 156 -3.75 26.48 -14.34
CA ASN A 156 -5.02 25.93 -14.80
C ASN A 156 -5.69 25.10 -13.71
N ALA A 157 -4.92 24.62 -12.74
CA ALA A 157 -5.47 23.78 -11.69
C ALA A 157 -4.59 23.84 -10.45
N ILE A 158 -5.23 23.59 -9.29
CA ILE A 158 -4.57 23.34 -8.02
C ILE A 158 -4.56 21.82 -7.78
N GLU A 159 -3.37 21.28 -7.53
CA GLU A 159 -3.22 19.87 -7.20
C GLU A 159 -3.61 19.65 -5.74
N VAL A 160 -4.47 18.65 -5.51
CA VAL A 160 -4.69 18.06 -4.20
C VAL A 160 -3.66 16.95 -4.04
N PRO A 161 -2.57 17.18 -3.28
CA PRO A 161 -1.47 16.21 -3.16
C PRO A 161 -1.76 15.03 -2.22
N ALA A 162 -1.45 13.81 -2.67
CA ALA A 162 -1.60 12.62 -1.84
C ALA A 162 -0.89 12.79 -0.50
N LYS A 163 0.26 13.47 -0.50
CA LYS A 163 1.08 13.51 0.70
C LYS A 163 0.56 14.53 1.71
N ASP A 164 -0.47 15.29 1.35
CA ASP A 164 -0.97 16.33 2.24
C ASP A 164 -2.49 16.26 2.38
N LEU A 165 -3.02 15.03 2.43
CA LEU A 165 -4.47 14.82 2.36
C LEU A 165 -5.15 15.22 3.66
N ALA A 166 -4.41 15.20 4.78
CA ALA A 166 -4.93 15.68 6.05
C ALA A 166 -5.31 17.16 5.93
N ASN A 167 -4.80 17.84 4.90
CA ASN A 167 -5.04 19.27 4.68
C ASN A 167 -5.78 19.53 3.36
N ALA A 168 -6.42 18.49 2.81
CA ALA A 168 -7.07 18.57 1.50
C ALA A 168 -8.02 19.75 1.38
N GLN A 169 -8.71 20.07 2.48
CA GLN A 169 -9.71 21.12 2.56
C GLN A 169 -9.14 22.47 2.11
N ASN A 170 -7.87 22.72 2.49
CA ASN A 170 -7.21 23.97 2.16
C ASN A 170 -7.01 24.08 0.65
N TYR A 171 -6.65 22.97 0.01
CA TYR A 171 -6.37 22.99 -1.41
C TYR A 171 -7.67 23.23 -2.20
N VAL A 172 -8.73 22.54 -1.78
CA VAL A 172 -10.04 22.65 -2.43
C VAL A 172 -10.55 24.08 -2.30
N ALA A 173 -10.42 24.65 -1.10
CA ALA A 173 -10.88 26.00 -0.80
C ALA A 173 -10.08 27.02 -1.60
N LEU A 174 -8.77 26.77 -1.78
CA LEU A 174 -7.96 27.66 -2.59
C LEU A 174 -8.41 27.62 -4.05
N ALA A 175 -8.72 26.43 -4.56
CA ALA A 175 -9.12 26.31 -5.96
C ALA A 175 -10.44 27.05 -6.19
N GLU A 176 -11.34 26.97 -5.20
CA GLU A 176 -12.63 27.65 -5.25
C GLU A 176 -12.43 29.16 -5.26
N THR A 177 -11.56 29.65 -4.36
CA THR A 177 -11.24 31.07 -4.26
C THR A 177 -10.78 31.59 -5.62
N LEU A 178 -10.05 30.76 -6.38
CA LEU A 178 -9.43 31.19 -7.63
C LEU A 178 -10.26 30.78 -8.85
N ALA A 179 -11.38 30.09 -8.60
CA ALA A 179 -12.24 29.49 -9.63
C ALA A 179 -11.45 28.58 -10.57
N LEU A 180 -10.60 27.72 -9.99
CA LEU A 180 -9.81 26.80 -10.81
C LEU A 180 -10.28 25.37 -10.57
N ASP A 181 -9.97 24.51 -11.56
CA ASP A 181 -10.11 23.06 -11.45
C ASP A 181 -9.13 22.53 -10.40
N THR A 182 -9.36 21.29 -9.96
CA THR A 182 -8.37 20.58 -9.17
C THR A 182 -7.86 19.37 -9.94
N THR A 183 -6.63 18.96 -9.59
CA THR A 183 -6.11 17.65 -9.98
C THR A 183 -5.80 16.88 -8.69
N GLY A 184 -5.69 15.56 -8.83
CA GLY A 184 -5.04 14.77 -7.80
C GLY A 184 -3.78 14.14 -8.38
N GLY A 185 -2.65 14.37 -7.71
CA GLY A 185 -1.40 13.74 -8.08
C GLY A 185 -0.74 13.14 -6.84
N SER A 186 -0.03 12.03 -7.04
CA SER A 186 0.57 11.27 -5.95
C SER A 186 1.94 11.81 -5.56
N ASP A 187 2.67 12.37 -6.53
CA ASP A 187 4.08 12.67 -6.38
C ASP A 187 4.85 11.39 -6.05
N ALA A 188 4.42 10.27 -6.65
CA ALA A 188 5.08 8.99 -6.39
C ALA A 188 6.48 9.00 -7.00
N HIS A 189 7.45 8.59 -6.16
CA HIS A 189 8.81 8.32 -6.59
C HIS A 189 9.08 6.82 -6.49
N THR A 190 8.10 6.05 -6.00
CA THR A 190 8.21 4.59 -5.93
C THR A 190 6.86 3.94 -6.27
N PHE A 191 6.90 2.63 -6.55
CA PHE A 191 5.74 1.86 -6.97
C PHE A 191 4.62 1.95 -5.94
N ILE A 192 4.98 2.17 -4.67
CA ILE A 192 4.04 2.08 -3.57
C ILE A 192 3.00 3.22 -3.62
N GLN A 193 3.42 4.41 -4.06
CA GLN A 193 2.62 5.62 -3.86
C GLN A 193 1.78 5.95 -5.09
N VAL A 194 2.04 5.28 -6.22
CA VAL A 194 1.39 5.66 -7.47
C VAL A 194 -0.13 5.54 -7.31
N GLY A 195 -0.85 6.55 -7.80
CA GLY A 195 -2.30 6.49 -7.81
C GLY A 195 -2.94 6.86 -6.47
N ALA A 196 -2.14 7.27 -5.47
CA ALA A 196 -2.65 7.57 -4.13
C ALA A 196 -3.64 8.74 -4.17
N CYS A 197 -3.44 9.66 -5.12
CA CYS A 197 -4.45 10.63 -5.50
C CYS A 197 -4.46 10.68 -7.02
N ARG A 198 -5.64 10.90 -7.61
CA ARG A 198 -5.77 10.83 -9.06
C ARG A 198 -6.72 11.92 -9.54
N THR A 199 -6.72 12.13 -10.86
CA THR A 199 -7.53 13.16 -11.48
C THR A 199 -8.58 12.50 -12.37
N ALA A 200 -9.82 12.98 -12.25
CA ALA A 200 -10.92 12.53 -13.09
C ALA A 200 -11.33 13.68 -14.01
N PHE A 201 -11.65 13.33 -15.25
CA PHE A 201 -12.12 14.31 -16.22
C PHE A 201 -12.94 13.59 -17.28
N GLU A 202 -13.76 14.38 -17.99
CA GLU A 202 -14.65 13.89 -19.02
C GLU A 202 -14.00 14.18 -20.38
N LEU A 203 -13.98 13.16 -21.25
CA LEU A 203 -13.56 13.25 -22.63
C LEU A 203 -14.81 13.30 -23.51
N PRO A 204 -14.98 14.34 -24.37
CA PRO A 204 -16.15 14.41 -25.25
C PRO A 204 -16.09 13.38 -26.38
N GLY A 205 -17.26 12.89 -26.79
CA GLY A 205 -17.34 11.99 -27.93
C GLY A 205 -17.33 10.52 -27.52
N SER A 206 -16.88 9.66 -28.45
CA SER A 206 -17.00 8.23 -28.25
C SER A 206 -15.83 7.69 -27.46
N VAL A 207 -16.07 6.55 -26.78
CA VAL A 207 -15.10 5.90 -25.93
C VAL A 207 -13.84 5.64 -26.74
N ARG A 208 -12.74 6.22 -26.29
CA ARG A 208 -11.44 6.03 -26.93
C ARG A 208 -10.35 6.15 -25.89
N ASP A 209 -9.14 5.74 -26.27
CA ASP A 209 -7.96 5.92 -25.43
C ASP A 209 -7.67 7.42 -25.29
N CYS A 210 -7.36 7.83 -24.07
CA CYS A 210 -6.98 9.21 -23.79
C CYS A 210 -5.56 9.44 -24.32
N THR A 211 -5.38 10.54 -25.05
CA THR A 211 -4.06 10.98 -25.48
C THR A 211 -3.56 12.09 -24.55
N ALA A 212 -2.26 12.38 -24.63
CA ALA A 212 -1.63 13.48 -23.91
C ALA A 212 -2.38 14.78 -24.19
N GLN A 213 -2.68 15.03 -25.48
CA GLN A 213 -3.36 16.23 -25.91
C GLN A 213 -4.77 16.31 -25.34
N ASP A 214 -5.42 15.15 -25.15
CA ASP A 214 -6.76 15.11 -24.59
C ASP A 214 -6.74 15.57 -23.13
N TRP A 215 -5.68 15.19 -22.41
CA TRP A 215 -5.49 15.59 -21.02
C TRP A 215 -5.19 17.08 -20.94
N ILE A 216 -4.28 17.55 -21.81
CA ILE A 216 -3.86 18.94 -21.79
C ILE A 216 -5.08 19.84 -21.97
N SER A 217 -6.00 19.44 -22.85
CA SER A 217 -7.11 20.30 -23.26
C SER A 217 -8.32 20.15 -22.34
N SER A 218 -8.28 19.18 -21.41
CA SER A 218 -9.42 18.89 -20.55
C SER A 218 -9.62 20.01 -19.52
N ARG A 219 -10.89 20.27 -19.20
CA ARG A 219 -11.29 21.22 -18.18
C ARG A 219 -12.32 20.54 -17.27
N GLN A 220 -12.74 21.25 -16.22
CA GLN A 220 -13.65 20.77 -15.20
C GLN A 220 -13.10 19.51 -14.53
N THR A 221 -11.77 19.41 -14.42
CA THR A 221 -11.12 18.27 -13.79
C THR A 221 -11.31 18.35 -12.28
N SER A 222 -11.28 17.20 -11.60
CA SER A 222 -11.32 17.14 -10.14
C SER A 222 -10.44 16.01 -9.61
N HIS A 223 -10.34 15.91 -8.29
CA HIS A 223 -9.43 14.98 -7.65
C HIS A 223 -10.22 13.84 -7.01
N LEU A 224 -9.53 12.71 -6.77
CA LEU A 224 -10.11 11.52 -6.14
C LEU A 224 -9.05 10.83 -5.28
N PHE A 225 -9.44 10.52 -4.04
CA PHE A 225 -8.64 9.70 -3.15
C PHE A 225 -9.56 8.78 -2.35
N THR A 226 -8.95 7.98 -1.47
CA THR A 226 -9.67 7.04 -0.61
C THR A 226 -9.09 7.15 0.80
N ALA A 227 -9.78 6.54 1.77
CA ALA A 227 -9.35 6.53 3.16
C ALA A 227 -8.04 5.77 3.31
N GLN A 228 -7.66 4.99 2.30
CA GLN A 228 -6.43 4.21 2.35
C GLN A 228 -5.27 4.92 1.66
N SER A 229 -5.53 6.11 1.07
CA SER A 229 -4.48 6.85 0.36
C SER A 229 -3.33 7.26 1.29
N PRO A 230 -3.58 7.88 2.48
CA PRO A 230 -2.48 8.29 3.35
C PRO A 230 -1.49 7.16 3.65
N ARG A 231 -2.02 5.94 3.81
CA ARG A 231 -1.21 4.78 4.13
C ARG A 231 -0.21 4.49 3.00
N LEU A 232 -0.62 4.70 1.75
CA LEU A 232 0.27 4.50 0.61
C LEU A 232 1.51 5.39 0.73
N VAL A 233 1.30 6.63 1.18
CA VAL A 233 2.34 7.63 1.28
C VAL A 233 3.32 7.25 2.40
N VAL A 234 2.77 6.84 3.55
CA VAL A 234 3.58 6.41 4.69
C VAL A 234 4.43 5.20 4.30
N MET A 235 3.83 4.18 3.67
CA MET A 235 4.56 2.98 3.31
C MET A 235 5.66 3.30 2.29
N SER A 236 5.38 4.24 1.38
CA SER A 236 6.37 4.69 0.41
C SER A 236 7.56 5.36 1.11
N ASN A 237 7.28 6.10 2.20
CA ASN A 237 8.30 6.77 2.99
C ASN A 237 9.18 5.74 3.71
N ILE A 238 8.55 4.72 4.29
CA ILE A 238 9.27 3.67 5.00
C ILE A 238 10.21 2.96 4.02
N TYR A 239 9.71 2.74 2.80
CA TYR A 239 10.44 2.04 1.76
C TYR A 239 11.68 2.83 1.37
N ARG A 240 11.53 4.15 1.16
CA ARG A 240 12.65 5.00 0.80
C ARG A 240 13.70 5.01 1.91
N GLN A 241 13.25 4.97 3.17
CA GLN A 241 14.13 4.99 4.32
C GLN A 241 14.98 3.72 4.36
N SER A 242 14.39 2.60 3.92
CA SER A 242 15.00 1.29 3.99
C SER A 242 16.13 1.16 2.98
N LEU A 243 16.06 1.95 1.89
CA LEU A 243 17.01 1.85 0.80
C LEU A 243 18.33 2.50 1.18
N MET A 244 18.30 3.41 2.16
CA MET A 244 19.50 4.08 2.64
C MET A 244 20.26 3.15 3.58
N MET B 1 -20.23 0.05 22.99
CA MET B 1 -19.55 -1.26 22.80
C MET B 1 -18.11 -1.03 22.36
N ASN B 2 -17.17 -1.66 23.08
CA ASN B 2 -15.75 -1.47 22.89
C ASN B 2 -15.22 -2.46 21.85
N ARG B 3 -14.95 -1.95 20.64
CA ARG B 3 -14.62 -2.77 19.49
C ARG B 3 -13.11 -2.79 19.27
N LYS B 4 -12.57 -4.00 19.06
CA LYS B 4 -11.14 -4.18 18.85
C LYS B 4 -10.90 -4.74 17.44
N VAL B 5 -9.77 -4.35 16.83
CA VAL B 5 -9.38 -4.84 15.53
C VAL B 5 -7.96 -5.41 15.60
N VAL B 6 -7.77 -6.62 15.07
CA VAL B 6 -6.54 -7.39 15.16
C VAL B 6 -6.26 -8.04 13.80
N ASP B 7 -4.98 -7.97 13.35
CA ASP B 7 -4.53 -8.81 12.25
C ASP B 7 -4.05 -10.15 12.81
N THR B 8 -4.79 -11.21 12.49
CA THR B 8 -4.69 -12.48 13.20
C THR B 8 -3.73 -13.45 12.52
N HIS B 9 -3.07 -13.03 11.43
CA HIS B 9 -2.15 -13.89 10.70
C HIS B 9 -0.96 -13.07 10.20
N VAL B 10 0.07 -12.90 11.05
CA VAL B 10 1.26 -12.15 10.64
C VAL B 10 2.50 -13.04 10.80
N HIS B 11 3.44 -12.89 9.86
CA HIS B 11 4.73 -13.57 9.91
C HIS B 11 5.81 -12.50 10.09
N LEU B 12 6.68 -12.71 11.09
CA LEU B 12 7.75 -11.77 11.39
C LEU B 12 9.09 -12.28 10.87
N LEU B 13 9.06 -13.41 10.14
CA LEU B 13 10.20 -13.87 9.37
C LEU B 13 9.81 -13.87 7.89
N LEU B 14 10.72 -13.38 7.04
CA LEU B 14 10.48 -13.24 5.62
C LEU B 14 10.43 -14.62 4.98
N SER B 15 11.27 -15.54 5.47
CA SER B 15 11.40 -16.86 4.91
C SER B 15 11.42 -17.90 6.03
N LYS B 16 11.08 -19.14 5.66
CA LYS B 16 11.05 -20.26 6.58
C LYS B 16 12.48 -20.67 6.92
N LYS B 17 13.41 -20.38 5.99
CA LYS B 17 14.81 -20.72 6.14
C LYS B 17 15.62 -19.48 6.57
N GLN B 18 14.97 -18.60 7.34
CA GLN B 18 15.67 -17.45 7.92
C GLN B 18 16.09 -17.82 9.34
N ARG B 19 17.38 -17.58 9.63
CA ARG B 19 18.03 -18.02 10.85
C ARG B 19 17.69 -17.07 12.00
N VAL B 20 18.07 -15.80 11.87
CA VAL B 20 17.93 -14.81 12.92
C VAL B 20 16.93 -13.74 12.47
N PRO B 21 16.06 -13.24 13.39
CA PRO B 21 15.14 -12.15 13.07
C PRO B 21 15.82 -10.88 12.55
N ASP B 22 15.14 -10.21 11.59
CA ASP B 22 15.57 -8.95 11.01
C ASP B 22 14.78 -7.82 11.67
N TRP B 23 15.34 -7.27 12.76
CA TRP B 23 14.64 -6.37 13.64
C TRP B 23 14.29 -5.05 12.94
N ALA B 24 14.96 -4.77 11.82
CA ALA B 24 14.68 -3.58 11.03
C ALA B 24 13.35 -3.74 10.30
N ALA B 25 13.20 -4.89 9.62
CA ALA B 25 11.99 -5.24 8.90
C ALA B 25 10.81 -5.35 9.85
N ILE B 26 11.03 -5.98 11.01
CA ILE B 26 10.01 -6.18 12.03
C ILE B 26 9.51 -4.83 12.54
N LYS B 27 10.43 -3.86 12.70
CA LYS B 27 10.07 -2.53 13.13
C LYS B 27 9.11 -1.89 12.12
N ARG B 28 9.41 -2.04 10.83
CA ARG B 28 8.62 -1.43 9.78
C ARG B 28 7.20 -1.99 9.77
N MET B 29 7.06 -3.28 10.08
CA MET B 29 5.76 -3.95 10.12
C MET B 29 4.91 -3.35 11.24
N LEU B 30 5.52 -3.07 12.39
CA LEU B 30 4.78 -2.57 13.54
C LEU B 30 4.45 -1.09 13.36
N ASP B 31 5.30 -0.39 12.60
CA ASP B 31 5.06 1.00 12.27
C ASP B 31 3.74 1.10 11.50
N VAL B 32 3.60 0.25 10.48
CA VAL B 32 2.43 0.26 9.60
C VAL B 32 1.18 -0.11 10.39
N ALA B 33 1.31 -1.09 11.30
CA ALA B 33 0.22 -1.53 12.16
C ALA B 33 -0.30 -0.37 12.99
N LYS B 34 0.62 0.49 13.46
CA LYS B 34 0.24 1.63 14.28
C LYS B 34 -0.55 2.62 13.43
N VAL B 35 0.03 3.00 12.28
CA VAL B 35 -0.56 4.00 11.39
C VAL B 35 -1.93 3.52 10.92
N ASP B 36 -2.10 2.19 10.79
CA ASP B 36 -3.34 1.70 10.21
C ASP B 36 -4.36 1.33 11.28
N GLU B 37 -4.03 1.66 12.54
CA GLU B 37 -4.96 1.63 13.67
C GLU B 37 -5.34 0.20 14.06
N LEU B 38 -4.35 -0.69 14.05
CA LEU B 38 -4.54 -2.03 14.54
C LEU B 38 -4.34 -2.04 16.05
N ASP B 39 -5.25 -2.68 16.78
CA ASP B 39 -5.11 -2.84 18.22
C ASP B 39 -4.03 -3.87 18.52
N ALA B 40 -3.89 -4.88 17.65
CA ALA B 40 -2.95 -5.96 17.90
C ALA B 40 -2.58 -6.70 16.62
N LEU B 41 -1.52 -7.52 16.74
CA LEU B 41 -0.97 -8.39 15.73
C LEU B 41 -0.82 -9.78 16.35
N CYS B 42 -1.20 -10.83 15.62
CA CYS B 42 -0.92 -12.20 16.04
C CYS B 42 0.24 -12.75 15.22
N VAL B 43 1.32 -13.16 15.91
CA VAL B 43 2.49 -13.68 15.22
C VAL B 43 2.32 -15.19 15.03
N THR B 44 1.65 -15.56 13.93
CA THR B 44 1.44 -16.94 13.58
C THR B 44 2.55 -17.36 12.60
N GLU B 45 3.79 -17.32 13.10
CA GLU B 45 4.95 -17.72 12.31
C GLU B 45 4.90 -19.23 12.07
N HIS B 46 5.36 -19.67 10.90
CA HIS B 46 5.44 -21.08 10.56
C HIS B 46 6.26 -21.78 11.63
N ILE B 47 5.70 -22.81 12.27
CA ILE B 47 6.37 -23.44 13.39
C ILE B 47 7.61 -24.19 12.90
N GLU B 48 7.59 -24.61 11.62
CA GLU B 48 8.64 -25.40 11.00
C GLU B 48 9.81 -24.50 10.58
N ALA B 49 9.64 -23.18 10.69
CA ALA B 49 10.73 -22.27 10.46
C ALA B 49 11.87 -22.60 11.43
N ASP B 50 13.11 -22.51 10.94
CA ASP B 50 14.27 -22.81 11.77
C ASP B 50 14.59 -21.59 12.63
N GLY B 51 13.99 -20.44 12.29
CA GLY B 51 14.13 -19.23 13.07
C GLY B 51 12.95 -19.02 14.02
N TYR B 52 12.10 -20.06 14.18
CA TYR B 52 10.88 -19.91 14.95
C TYR B 52 11.18 -19.73 16.42
N GLN B 53 12.02 -20.61 16.97
CA GLN B 53 12.32 -20.61 18.39
C GLN B 53 13.03 -19.31 18.77
N THR B 54 14.00 -18.91 17.95
CA THR B 54 14.78 -17.71 18.21
C THR B 54 13.90 -16.47 18.11
N LEU B 55 12.85 -16.53 17.28
CA LEU B 55 11.94 -15.40 17.11
C LEU B 55 11.09 -15.24 18.36
N MET B 56 10.50 -16.35 18.81
CA MET B 56 9.56 -16.32 19.93
C MET B 56 10.30 -15.98 21.22
N GLU B 57 11.50 -16.55 21.38
CA GLU B 57 12.35 -16.23 22.50
C GLU B 57 12.75 -14.76 22.43
N GLY B 58 13.22 -14.33 21.26
CA GLY B 58 13.62 -12.95 21.02
C GLY B 58 12.55 -11.96 21.44
N LEU B 59 11.32 -12.17 20.93
CA LEU B 59 10.20 -11.25 21.11
C LEU B 59 9.66 -11.31 22.54
N PHE B 60 9.53 -12.52 23.09
CA PHE B 60 8.67 -12.71 24.24
C PHE B 60 9.46 -12.99 25.53
N VAL B 61 10.72 -13.41 25.39
CA VAL B 61 11.54 -13.80 26.54
C VAL B 61 12.77 -12.90 26.62
N GLU B 62 13.66 -13.00 25.62
CA GLU B 62 14.95 -12.33 25.58
C GLU B 62 14.77 -10.82 25.41
N ASN B 63 13.54 -10.39 25.11
CA ASN B 63 13.15 -8.99 25.07
C ASN B 63 14.04 -8.20 24.12
N ARG B 64 14.13 -8.66 22.87
CA ARG B 64 15.10 -8.17 21.90
C ARG B 64 14.44 -7.33 20.81
N LEU B 65 13.21 -6.85 21.06
CA LEU B 65 12.55 -5.96 20.11
C LEU B 65 12.78 -4.50 20.51
N PRO B 66 13.59 -3.73 19.75
CA PRO B 66 13.85 -2.32 20.06
C PRO B 66 12.56 -1.48 20.03
N GLY B 67 12.41 -0.60 21.02
CA GLY B 67 11.22 0.22 21.15
C GLY B 67 10.05 -0.57 21.72
N GLY B 68 10.27 -1.87 21.96
CA GLY B 68 9.26 -2.77 22.48
C GLY B 68 9.19 -2.71 24.01
N ASP B 69 7.98 -2.90 24.55
CA ASP B 69 7.71 -2.70 25.96
C ASP B 69 6.90 -3.89 26.50
N GLN B 70 7.26 -4.34 27.72
CA GLN B 70 6.60 -5.47 28.36
C GLN B 70 6.09 -5.07 29.76
N HIS B 71 6.94 -4.39 30.54
CA HIS B 71 6.58 -4.09 31.96
C HIS B 71 6.34 -5.43 32.67
N ALA B 72 5.11 -5.95 32.64
CA ALA B 72 4.81 -7.30 33.20
C ALA B 72 5.15 -8.37 32.15
N GLY B 73 4.35 -8.48 31.08
CA GLY B 73 4.58 -9.51 30.04
C GLY B 73 3.99 -9.11 28.70
N ARG B 74 2.74 -8.63 28.66
CA ARG B 74 2.10 -8.15 27.46
C ARG B 74 3.09 -7.31 26.64
N LEU B 75 3.43 -7.81 25.46
CA LEU B 75 4.35 -7.14 24.55
C LEU B 75 3.59 -6.13 23.71
N THR B 76 4.12 -4.90 23.65
CA THR B 76 3.57 -3.85 22.80
C THR B 76 4.71 -3.13 22.09
N TYR B 77 4.31 -2.37 21.06
CA TYR B 77 5.18 -1.46 20.35
C TYR B 77 4.33 -0.26 19.94
N GLN B 78 4.64 0.91 20.51
CA GLN B 78 3.91 2.14 20.25
C GLN B 78 2.41 1.91 20.50
N GLY B 79 2.08 1.02 21.44
CA GLY B 79 0.70 0.79 21.84
C GLY B 79 -0.01 -0.30 21.03
N VAL B 80 0.72 -0.96 20.13
CA VAL B 80 0.18 -2.09 19.38
C VAL B 80 0.64 -3.39 20.05
N ALA B 81 -0.34 -4.16 20.55
CA ALA B 81 -0.08 -5.43 21.21
C ALA B 81 0.42 -6.45 20.19
N ILE B 82 1.31 -7.35 20.66
CA ILE B 82 1.87 -8.41 19.84
C ILE B 82 1.66 -9.74 20.57
N PHE B 83 0.71 -10.53 20.06
CA PHE B 83 0.31 -11.78 20.69
C PHE B 83 1.09 -12.95 20.09
N PRO B 84 1.51 -13.94 20.92
CA PRO B 84 2.22 -15.11 20.41
C PRO B 84 1.27 -16.05 19.68
N GLY B 85 1.80 -16.74 18.66
CA GLY B 85 1.03 -17.73 17.93
C GLY B 85 1.92 -18.58 17.03
N ALA B 86 1.29 -19.51 16.31
CA ALA B 86 2.02 -20.36 15.37
C ALA B 86 1.11 -20.73 14.20
N GLU B 87 1.73 -20.94 13.04
CA GLU B 87 1.03 -21.55 11.91
C GLU B 87 1.55 -22.96 11.70
N LEU B 88 0.65 -23.94 11.84
CA LEU B 88 0.99 -25.34 11.67
C LEU B 88 0.47 -25.82 10.33
N GLU B 89 1.26 -26.67 9.65
CA GLU B 89 0.77 -27.48 8.56
C GLU B 89 0.33 -28.83 9.13
N LEU B 90 -0.89 -29.26 8.80
CA LEU B 90 -1.42 -30.49 9.34
C LEU B 90 -1.09 -31.65 8.41
N ALA B 91 -1.38 -32.87 8.88
CA ALA B 91 -1.21 -34.09 8.11
C ALA B 91 -1.94 -33.98 6.77
N ASN B 92 -3.15 -33.39 6.78
CA ASN B 92 -3.97 -33.29 5.59
C ASN B 92 -3.53 -32.10 4.73
N ARG B 93 -2.45 -31.42 5.14
CA ARG B 93 -1.78 -30.37 4.38
C ARG B 93 -2.52 -29.03 4.48
N THR B 94 -3.51 -28.94 5.37
CA THR B 94 -4.14 -27.67 5.67
C THR B 94 -3.24 -26.86 6.60
N ASN B 95 -3.53 -25.56 6.74
CA ASN B 95 -2.86 -24.70 7.70
C ASN B 95 -3.85 -24.27 8.78
N VAL B 96 -3.39 -24.28 10.04
CA VAL B 96 -4.20 -23.81 11.14
C VAL B 96 -3.39 -22.80 11.93
N GLY B 97 -4.05 -21.70 12.34
CA GLY B 97 -3.47 -20.74 13.26
C GLY B 97 -3.73 -21.17 14.70
N VAL B 98 -2.65 -21.37 15.46
CA VAL B 98 -2.76 -21.77 16.86
C VAL B 98 -2.54 -20.53 17.73
N HIS B 99 -3.55 -20.22 18.53
CA HIS B 99 -3.54 -19.08 19.43
C HIS B 99 -3.62 -19.58 20.86
N THR B 100 -2.46 -19.63 21.52
CA THR B 100 -2.38 -20.06 22.92
C THR B 100 -1.15 -19.43 23.57
N ASP B 101 -0.98 -19.66 24.87
CA ASP B 101 0.14 -19.14 25.65
C ASP B 101 1.45 -19.67 25.09
N LEU B 102 2.53 -18.90 25.32
CA LEU B 102 3.83 -19.16 24.72
C LEU B 102 4.33 -20.55 25.11
N GLU B 103 4.09 -20.93 26.37
CA GLU B 103 4.48 -22.21 26.92
C GLU B 103 3.87 -23.33 26.06
N GLY B 104 2.55 -23.26 25.86
CA GLY B 104 1.83 -24.23 25.05
C GLY B 104 2.33 -24.28 23.61
N LEU B 105 2.68 -23.10 23.06
CA LEU B 105 3.13 -22.98 21.68
C LEU B 105 4.50 -23.65 21.52
N LEU B 106 5.42 -23.40 22.45
CA LEU B 106 6.77 -23.92 22.36
C LEU B 106 6.80 -25.41 22.73
N ALA B 107 5.70 -25.89 23.34
CA ALA B 107 5.56 -27.27 23.77
C ALA B 107 5.10 -28.18 22.63
N LEU B 108 4.78 -27.60 21.46
CA LEU B 108 4.15 -28.34 20.37
C LEU B 108 5.22 -28.90 19.44
N ASP B 109 4.94 -30.08 18.88
CA ASP B 109 5.74 -30.67 17.82
C ASP B 109 5.81 -29.67 16.66
N ARG B 110 6.97 -29.60 16.02
CA ARG B 110 7.24 -28.53 15.07
C ARG B 110 7.41 -29.08 13.66
N ALA B 111 7.37 -30.41 13.52
CA ALA B 111 7.47 -31.06 12.23
C ALA B 111 6.24 -30.74 11.39
N PRO B 112 6.39 -30.49 10.07
CA PRO B 112 5.22 -30.33 9.19
C PRO B 112 4.49 -31.65 9.03
N GLY B 113 3.24 -31.70 9.49
CA GLY B 113 2.40 -32.87 9.35
C GLY B 113 2.36 -33.72 10.61
N ALA B 114 2.92 -33.20 11.71
CA ALA B 114 3.03 -33.91 12.97
C ALA B 114 1.66 -34.03 13.64
N TYR B 115 0.74 -33.15 13.24
CA TYR B 115 -0.59 -33.12 13.85
C TYR B 115 -1.66 -33.36 12.79
N THR B 116 -2.64 -34.17 13.18
CA THR B 116 -3.96 -34.13 12.58
C THR B 116 -4.77 -33.09 13.35
N LEU B 117 -5.86 -32.60 12.76
CA LEU B 117 -6.69 -31.60 13.42
C LEU B 117 -7.25 -32.17 14.72
N GLU B 118 -7.59 -33.46 14.70
CA GLU B 118 -8.16 -34.13 15.87
C GLU B 118 -7.13 -34.16 17.00
N ARG B 119 -5.89 -34.57 16.69
CA ARG B 119 -4.87 -34.74 17.72
C ARG B 119 -4.46 -33.40 18.30
N LEU B 120 -4.30 -32.38 17.43
CA LEU B 120 -3.91 -31.06 17.88
C LEU B 120 -4.94 -30.53 18.87
N HIS B 121 -6.23 -30.65 18.51
CA HIS B 121 -7.32 -30.26 19.39
C HIS B 121 -7.23 -31.01 20.71
N ALA B 122 -6.97 -32.33 20.63
CA ALA B 122 -6.88 -33.20 21.78
C ALA B 122 -5.77 -32.73 22.73
N VAL B 123 -4.56 -32.54 22.19
CA VAL B 123 -3.40 -32.16 22.98
C VAL B 123 -3.64 -30.83 23.65
N LEU B 124 -4.19 -29.88 22.90
CA LEU B 124 -4.52 -28.56 23.42
C LEU B 124 -5.67 -28.65 24.42
N GLU B 125 -6.53 -29.67 24.24
CA GLU B 125 -7.65 -29.93 25.14
C GLU B 125 -7.11 -30.41 26.49
N GLN B 126 -6.05 -31.23 26.45
CA GLN B 126 -5.51 -31.93 27.60
C GLN B 126 -4.91 -30.94 28.60
N ARG B 127 -4.36 -29.84 28.08
CA ARG B 127 -3.96 -28.71 28.90
C ARG B 127 -5.22 -28.04 29.45
N GLY B 128 -5.05 -27.29 30.55
CA GLY B 128 -6.20 -26.66 31.19
C GLY B 128 -6.50 -25.29 30.57
N ARG B 129 -5.54 -24.75 29.83
CA ARG B 129 -5.51 -23.34 29.48
C ARG B 129 -6.19 -23.10 28.13
N PRO B 130 -6.92 -21.97 27.98
CA PRO B 130 -7.70 -21.68 26.77
C PRO B 130 -6.84 -21.57 25.51
N PHE B 131 -7.47 -21.86 24.37
CA PHE B 131 -6.81 -21.74 23.08
C PHE B 131 -7.86 -21.48 22.01
N LYS B 132 -7.39 -21.15 20.81
CA LYS B 132 -8.24 -20.90 19.66
C LYS B 132 -7.50 -21.36 18.42
N LEU B 133 -8.21 -22.13 17.57
CA LEU B 133 -7.68 -22.55 16.29
C LEU B 133 -8.46 -21.82 15.19
N VAL B 134 -7.73 -21.34 14.17
CA VAL B 134 -8.34 -20.69 13.02
C VAL B 134 -7.90 -21.47 11.77
N ALA B 135 -8.87 -21.82 10.90
CA ALA B 135 -8.52 -22.43 9.64
C ALA B 135 -8.06 -21.33 8.68
N HIS B 136 -6.81 -21.45 8.22
CA HIS B 136 -6.20 -20.48 7.32
C HIS B 136 -6.49 -20.82 5.87
N HIS B 137 -6.72 -19.78 5.06
CA HIS B 137 -6.89 -19.84 3.61
C HIS B 137 -7.32 -21.23 3.14
N ILE B 138 -8.52 -21.65 3.55
CA ILE B 138 -9.04 -23.00 3.37
C ILE B 138 -9.42 -23.27 1.91
N PHE B 139 -9.47 -22.24 1.05
CA PHE B 139 -9.82 -22.45 -0.35
C PHE B 139 -8.62 -22.25 -1.26
N TRP B 140 -7.43 -22.07 -0.67
CA TRP B 140 -6.21 -21.84 -1.44
C TRP B 140 -5.75 -23.18 -2.04
N PRO B 141 -5.31 -23.22 -3.31
CA PRO B 141 -4.84 -24.47 -3.93
C PRO B 141 -3.85 -25.19 -3.02
N GLY B 142 -4.14 -26.48 -2.75
CA GLY B 142 -3.28 -27.35 -1.97
C GLY B 142 -3.51 -27.22 -0.46
N LYS B 143 -4.46 -26.37 -0.06
CA LYS B 143 -4.69 -26.11 1.35
C LYS B 143 -6.14 -26.41 1.74
N THR B 144 -6.86 -27.11 0.84
CA THR B 144 -8.28 -27.35 1.06
C THR B 144 -8.49 -28.52 2.01
N CYS B 145 -9.70 -28.61 2.57
CA CYS B 145 -10.05 -29.59 3.59
C CYS B 145 -11.03 -30.60 2.99
N ASP B 146 -10.70 -31.89 3.14
CA ASP B 146 -11.51 -32.96 2.59
C ASP B 146 -12.63 -33.35 3.55
N ASP B 147 -12.55 -32.88 4.81
CA ASP B 147 -13.60 -33.20 5.76
C ASP B 147 -14.04 -31.97 6.54
N LEU B 148 -15.15 -31.39 6.11
CA LEU B 148 -15.62 -30.09 6.61
C LEU B 148 -16.33 -30.25 7.95
N GLN B 149 -16.77 -31.46 8.27
CA GLN B 149 -17.46 -31.69 9.53
C GLN B 149 -16.46 -31.73 10.68
N ALA B 150 -15.30 -32.35 10.45
CA ALA B 150 -14.20 -32.28 11.41
C ALA B 150 -13.83 -30.83 11.64
N LEU B 151 -13.79 -30.06 10.54
CA LEU B 151 -13.50 -28.65 10.58
C LEU B 151 -14.45 -27.95 11.55
N GLY B 152 -15.74 -28.29 11.45
CA GLY B 152 -16.79 -27.69 12.26
C GLY B 152 -16.68 -28.07 13.73
N ARG B 153 -15.94 -29.14 14.03
CA ARG B 153 -15.85 -29.67 15.38
C ARG B 153 -14.66 -29.10 16.14
N TYR B 154 -13.59 -28.72 15.44
CA TYR B 154 -12.33 -28.48 16.13
C TYR B 154 -11.87 -27.02 16.05
N VAL B 155 -12.24 -26.33 14.96
CA VAL B 155 -11.75 -25.00 14.66
C VAL B 155 -12.76 -23.97 15.16
N ASN B 156 -12.27 -22.80 15.58
CA ASN B 156 -13.12 -21.76 16.16
C ASN B 156 -13.59 -20.75 15.11
N ALA B 157 -12.83 -20.60 14.02
CA ALA B 157 -13.19 -19.63 13.00
C ALA B 157 -12.55 -19.98 11.66
N ILE B 158 -13.19 -19.49 10.57
CA ILE B 158 -12.67 -19.58 9.21
C ILE B 158 -12.05 -18.23 8.86
N GLU B 159 -10.78 -18.24 8.47
CA GLU B 159 -10.09 -17.03 8.05
C GLU B 159 -10.54 -16.62 6.65
N VAL B 160 -10.91 -15.34 6.50
CA VAL B 160 -11.04 -14.72 5.18
C VAL B 160 -9.69 -14.08 4.86
N PRO B 161 -8.91 -14.71 3.96
CA PRO B 161 -7.51 -14.30 3.74
C PRO B 161 -7.39 -13.18 2.73
N ALA B 162 -6.53 -12.21 3.04
CA ALA B 162 -6.25 -11.07 2.19
C ALA B 162 -5.83 -11.52 0.79
N LYS B 163 -5.11 -12.64 0.71
CA LYS B 163 -4.53 -13.06 -0.56
C LYS B 163 -5.57 -13.72 -1.46
N ASP B 164 -6.79 -13.93 -0.96
CA ASP B 164 -7.81 -14.63 -1.74
C ASP B 164 -9.13 -13.88 -1.67
N LEU B 165 -9.05 -12.55 -1.59
CA LEU B 165 -10.23 -11.73 -1.34
C LEU B 165 -11.22 -11.76 -2.51
N ALA B 166 -10.75 -12.11 -3.71
CA ALA B 166 -11.65 -12.27 -4.86
C ALA B 166 -12.69 -13.36 -4.59
N ASN B 167 -12.36 -14.31 -3.70
CA ASN B 167 -13.20 -15.46 -3.40
C ASN B 167 -13.72 -15.40 -1.97
N ALA B 168 -13.74 -14.20 -1.38
CA ALA B 168 -14.17 -14.01 0.00
C ALA B 168 -15.53 -14.67 0.25
N GLN B 169 -16.42 -14.62 -0.75
CA GLN B 169 -17.80 -15.07 -0.63
C GLN B 169 -17.85 -16.57 -0.30
N ASN B 170 -16.91 -17.36 -0.81
CA ASN B 170 -16.85 -18.79 -0.57
C ASN B 170 -16.51 -19.06 0.90
N TYR B 171 -15.60 -18.26 1.45
CA TYR B 171 -15.22 -18.38 2.84
C TYR B 171 -16.39 -18.02 3.74
N VAL B 172 -17.12 -16.95 3.40
CA VAL B 172 -18.25 -16.50 4.20
C VAL B 172 -19.35 -17.57 4.20
N ALA B 173 -19.64 -18.13 3.03
CA ALA B 173 -20.66 -19.18 2.87
C ALA B 173 -20.32 -20.41 3.73
N LEU B 174 -19.07 -20.87 3.66
CA LEU B 174 -18.63 -22.03 4.40
C LEU B 174 -18.78 -21.81 5.91
N ALA B 175 -18.33 -20.65 6.39
CA ALA B 175 -18.40 -20.30 7.80
C ALA B 175 -19.86 -20.27 8.27
N GLU B 176 -20.74 -19.72 7.43
CA GLU B 176 -22.16 -19.69 7.72
C GLU B 176 -22.71 -21.11 7.75
N THR B 177 -22.31 -21.95 6.78
CA THR B 177 -22.75 -23.34 6.71
C THR B 177 -22.32 -24.09 7.97
N LEU B 178 -21.12 -23.77 8.49
CA LEU B 178 -20.54 -24.53 9.59
C LEU B 178 -20.87 -23.88 10.94
N ALA B 179 -21.60 -22.76 10.90
CA ALA B 179 -21.95 -21.98 12.07
C ALA B 179 -20.69 -21.54 12.81
N LEU B 180 -19.67 -21.10 12.06
CA LEU B 180 -18.41 -20.67 12.63
C LEU B 180 -18.23 -19.17 12.42
N ASP B 181 -17.52 -18.54 13.35
CA ASP B 181 -17.05 -17.17 13.22
C ASP B 181 -16.07 -17.09 12.06
N THR B 182 -15.85 -15.87 11.54
CA THR B 182 -14.76 -15.65 10.62
C THR B 182 -13.72 -14.74 11.28
N THR B 183 -12.48 -14.82 10.78
CA THR B 183 -11.45 -13.84 11.06
C THR B 183 -11.01 -13.22 9.75
N GLY B 184 -10.34 -12.08 9.86
CA GLY B 184 -9.56 -11.49 8.78
C GLY B 184 -8.09 -11.52 9.13
N GLY B 185 -7.32 -12.28 8.35
CA GLY B 185 -5.87 -12.32 8.51
C GLY B 185 -5.19 -11.99 7.18
N SER B 186 -4.03 -11.31 7.28
CA SER B 186 -3.36 -10.79 6.10
C SER B 186 -2.37 -11.82 5.54
N ASP B 187 -1.80 -12.66 6.42
CA ASP B 187 -0.63 -13.47 6.10
C ASP B 187 0.55 -12.61 5.62
N ALA B 188 0.75 -11.44 6.24
CA ALA B 188 1.81 -10.53 5.83
C ALA B 188 3.18 -11.13 6.12
N HIS B 189 4.03 -11.19 5.08
CA HIS B 189 5.43 -11.52 5.25
C HIS B 189 6.26 -10.23 5.18
N THR B 190 5.61 -9.10 4.83
CA THR B 190 6.26 -7.79 4.82
C THR B 190 5.35 -6.72 5.41
N PHE B 191 5.91 -5.51 5.62
CA PHE B 191 5.20 -4.38 6.22
C PHE B 191 4.09 -3.87 5.31
N ILE B 192 4.18 -4.15 4.01
CA ILE B 192 3.23 -3.62 3.05
C ILE B 192 1.86 -4.28 3.22
N GLN B 193 1.86 -5.55 3.65
CA GLN B 193 0.66 -6.37 3.66
C GLN B 193 -0.04 -6.35 5.01
N VAL B 194 0.57 -5.73 6.04
CA VAL B 194 0.03 -5.83 7.38
C VAL B 194 -1.35 -5.21 7.43
N GLY B 195 -2.32 -5.95 7.99
CA GLY B 195 -3.67 -5.43 8.22
C GLY B 195 -4.56 -5.40 6.97
N ALA B 196 -4.10 -5.98 5.84
CA ALA B 196 -4.85 -6.02 4.59
C ALA B 196 -6.21 -6.71 4.77
N CYS B 197 -6.27 -7.66 5.71
CA CYS B 197 -7.52 -8.14 6.30
C CYS B 197 -7.30 -8.15 7.81
N ARG B 198 -8.38 -7.89 8.57
CA ARG B 198 -8.27 -7.86 10.02
C ARG B 198 -9.56 -8.39 10.64
N THR B 199 -9.49 -8.65 11.94
CA THR B 199 -10.60 -9.21 12.70
C THR B 199 -11.16 -8.16 13.66
N ALA B 200 -12.48 -8.02 13.66
CA ALA B 200 -13.19 -7.18 14.61
C ALA B 200 -13.89 -8.06 15.64
N PHE B 201 -13.99 -7.55 16.86
CA PHE B 201 -14.74 -8.17 17.95
C PHE B 201 -14.92 -7.15 19.08
N GLU B 202 -16.08 -7.17 19.72
CA GLU B 202 -16.39 -6.30 20.84
C GLU B 202 -15.89 -6.95 22.13
N LEU B 203 -14.95 -6.27 22.80
CA LEU B 203 -14.43 -6.74 24.08
C LEU B 203 -15.41 -6.39 25.19
N PRO B 204 -16.03 -7.38 25.86
CA PRO B 204 -17.14 -7.13 26.77
C PRO B 204 -16.75 -6.44 28.08
N GLY B 205 -17.63 -5.54 28.53
CA GLY B 205 -17.52 -4.92 29.85
C GLY B 205 -16.72 -3.62 29.82
N SER B 206 -15.74 -3.54 30.73
CA SER B 206 -14.95 -2.35 30.96
C SER B 206 -14.02 -2.08 29.77
N VAL B 207 -13.95 -0.81 29.38
CA VAL B 207 -13.12 -0.34 28.29
C VAL B 207 -11.66 -0.40 28.72
N ARG B 208 -10.85 -1.22 28.02
CA ARG B 208 -9.51 -1.54 28.46
C ARG B 208 -8.64 -1.95 27.26
N ASP B 209 -7.37 -2.27 27.56
CA ASP B 209 -6.42 -2.78 26.59
C ASP B 209 -6.71 -4.25 26.33
N CYS B 210 -6.61 -4.66 25.05
CA CYS B 210 -6.87 -6.03 24.64
C CYS B 210 -5.63 -6.89 24.90
N THR B 211 -5.84 -7.99 25.63
CA THR B 211 -4.77 -8.94 25.96
C THR B 211 -4.87 -10.15 25.05
N ALA B 212 -3.83 -11.01 25.09
CA ALA B 212 -3.75 -12.22 24.30
C ALA B 212 -4.90 -13.16 24.67
N GLN B 213 -5.30 -13.10 25.95
CA GLN B 213 -6.32 -13.97 26.50
C GLN B 213 -7.71 -13.48 26.09
N ASP B 214 -7.83 -12.16 25.91
CA ASP B 214 -9.07 -11.55 25.48
C ASP B 214 -9.37 -11.99 24.04
N TRP B 215 -8.33 -12.03 23.21
CA TRP B 215 -8.46 -12.47 21.82
C TRP B 215 -8.89 -13.93 21.78
N ILE B 216 -8.27 -14.75 22.64
CA ILE B 216 -8.51 -16.18 22.67
C ILE B 216 -9.97 -16.47 23.07
N SER B 217 -10.54 -15.63 23.95
CA SER B 217 -11.87 -15.85 24.50
C SER B 217 -12.97 -15.35 23.55
N SER B 218 -12.62 -14.40 22.68
CA SER B 218 -13.60 -13.67 21.89
C SER B 218 -14.42 -14.63 21.04
N ARG B 219 -15.70 -14.30 20.88
CA ARG B 219 -16.58 -15.01 19.96
C ARG B 219 -17.39 -13.97 19.19
N GLN B 220 -18.09 -14.41 18.14
CA GLN B 220 -18.79 -13.54 17.21
C GLN B 220 -17.79 -12.61 16.53
N THR B 221 -16.58 -13.13 16.26
CA THR B 221 -15.56 -12.37 15.55
C THR B 221 -15.97 -12.24 14.08
N SER B 222 -15.52 -11.16 13.45
CA SER B 222 -15.78 -10.93 12.03
C SER B 222 -14.52 -10.40 11.35
N HIS B 223 -14.56 -10.40 10.00
CA HIS B 223 -13.46 -9.99 9.15
C HIS B 223 -13.76 -8.61 8.57
N LEU B 224 -12.71 -7.85 8.24
CA LEU B 224 -12.85 -6.54 7.62
C LEU B 224 -11.76 -6.39 6.56
N PHE B 225 -12.16 -5.84 5.42
CA PHE B 225 -11.22 -5.45 4.37
C PHE B 225 -11.83 -4.27 3.60
N THR B 226 -11.02 -3.68 2.71
CA THR B 226 -11.48 -2.59 1.88
C THR B 226 -11.13 -2.90 0.42
N ALA B 227 -11.60 -2.05 -0.49
CA ALA B 227 -11.34 -2.20 -1.92
C ALA B 227 -9.84 -2.05 -2.22
N GLN B 228 -9.07 -1.53 -1.26
CA GLN B 228 -7.65 -1.30 -1.48
C GLN B 228 -6.81 -2.48 -0.94
N SER B 229 -7.46 -3.45 -0.29
CA SER B 229 -6.74 -4.55 0.33
C SER B 229 -6.05 -5.45 -0.71
N PRO B 230 -6.63 -5.74 -1.90
CA PRO B 230 -5.95 -6.57 -2.89
C PRO B 230 -4.65 -5.95 -3.40
N ARG B 231 -4.60 -4.62 -3.47
CA ARG B 231 -3.42 -3.88 -3.88
C ARG B 231 -2.28 -4.04 -2.86
N LEU B 232 -2.62 -4.12 -1.57
CA LEU B 232 -1.62 -4.30 -0.53
C LEU B 232 -0.90 -5.64 -0.75
N VAL B 233 -1.64 -6.66 -1.18
CA VAL B 233 -1.08 -7.99 -1.39
C VAL B 233 -0.17 -7.96 -2.61
N VAL B 234 -0.64 -7.34 -3.69
CA VAL B 234 0.14 -7.28 -4.93
C VAL B 234 1.47 -6.56 -4.68
N MET B 235 1.42 -5.41 -4.00
CA MET B 235 2.60 -4.59 -3.78
C MET B 235 3.60 -5.31 -2.87
N SER B 236 3.07 -6.03 -1.88
CA SER B 236 3.88 -6.80 -0.93
C SER B 236 4.65 -7.90 -1.66
N ASN B 237 4.01 -8.47 -2.68
CA ASN B 237 4.58 -9.56 -3.47
C ASN B 237 5.67 -9.01 -4.38
N ILE B 238 5.42 -7.83 -4.96
CA ILE B 238 6.40 -7.14 -5.79
C ILE B 238 7.66 -6.84 -4.97
N TYR B 239 7.46 -6.26 -3.79
CA TYR B 239 8.53 -5.91 -2.87
C TYR B 239 9.29 -7.15 -2.40
N ARG B 240 8.55 -8.13 -1.85
CA ARG B 240 9.15 -9.35 -1.31
C ARG B 240 10.09 -9.96 -2.35
N GLN B 241 9.61 -9.98 -3.60
CA GLN B 241 10.31 -10.58 -4.73
C GLN B 241 11.59 -9.81 -5.01
N SER B 242 11.53 -8.48 -4.88
CA SER B 242 12.68 -7.61 -5.16
C SER B 242 13.80 -7.84 -4.14
N LEU B 243 13.44 -8.35 -2.95
CA LEU B 243 14.41 -8.55 -1.87
C LEU B 243 15.35 -9.70 -2.20
N MET B 244 14.89 -10.65 -3.03
CA MET B 244 15.68 -11.81 -3.43
C MET B 244 16.70 -11.38 -4.50
#